data_4XJ5
#
_entry.id   4XJ5
#
_cell.length_a   117.950
_cell.length_b   50.060
_cell.length_c   72.270
_cell.angle_alpha   90.00
_cell.angle_beta   93.40
_cell.angle_gamma   90.00
#
_symmetry.space_group_name_H-M   'C 1 2 1'
#
loop_
_entity.id
_entity.type
_entity.pdbx_description
1 polymer 'Cyclic AMP-GMP synthase'
2 non-polymer 'MAGNESIUM ION'
3 non-polymer 1,2-ETHANEDIOL
4 non-polymer "3'-DEOXY-GUANOSINE-5'-TRIPHOSPHATE"
5 non-polymer 'SODIUM ION'
6 water water
#
_entity_poly.entity_id   1
_entity_poly.type   'polypeptide(L)'
_entity_poly.pdbx_seq_one_letter_code
;MRMTWNFHQYYTNRNDGLMGKLVLTDEEKNNLKALRKIIRLRTRDVFEEAKGIAKAVKKSALTFEIIQEKVSTTQIKHLS
DSEQREVAKLIYEMDDDARDEFLGLTPRFWTQGSFQYDTLNRPFQPGQEMDIDDGTYMPMPIFESEPKIGHSLLILLVDA
SLKSLVAENHGWKFEAKQTCGRIKIEAEKTHIDVPMYAIPKDEFQKKQIALEANRGSGSENVNLALREGDRKWINSDPKI
VEDWFNDSCIRIGKHLRKVCRFMKAWRDAQWDVGGPSSISLMAATVNILDSVAHDASDLGETMKIIAKHLPSEFARGVES
PDSTDEKPLFPPSYKHGPREMDIMSKLERLPEILSSAESADSKSEALKKINMAFGNRVTNSELIVLAKA
;
_entity_poly.pdbx_strand_id   A
#
loop_
_chem_comp.id
_chem_comp.type
_chem_comp.name
_chem_comp.formula
EDO non-polymer 1,2-ETHANEDIOL 'C2 H6 O2'
GH3 RNA linking 3'-DEOXY-GUANOSINE-5'-TRIPHOSPHATE 'C10 H16 N5 O13 P3'
MG non-polymer 'MAGNESIUM ION' 'Mg 2'
NA non-polymer 'SODIUM ION' 'Na 1'
#
# COMPACT_ATOMS: atom_id res chain seq x y z
N ARG A 2 10.86 -39.45 -2.52
CA ARG A 2 10.56 -40.09 -1.25
C ARG A 2 10.67 -39.09 -0.09
N MET A 3 11.84 -39.07 0.58
CA MET A 3 12.02 -38.17 1.73
C MET A 3 12.13 -36.75 1.25
N THR A 4 11.59 -35.84 2.06
N THR A 4 11.50 -35.82 1.98
CA THR A 4 11.61 -34.42 1.71
CA THR A 4 11.49 -34.39 1.62
C THR A 4 11.75 -33.65 3.01
C THR A 4 11.41 -33.56 2.89
N TRP A 5 12.01 -32.35 2.90
CA TRP A 5 11.84 -31.47 4.06
C TRP A 5 10.49 -30.77 3.90
N ASN A 6 9.73 -30.69 4.98
CA ASN A 6 8.45 -29.99 5.03
C ASN A 6 8.65 -28.65 5.73
N PHE A 7 8.09 -27.62 5.13
CA PHE A 7 8.25 -26.23 5.60
C PHE A 7 6.94 -25.60 6.08
N HIS A 8 5.92 -26.40 6.33
CA HIS A 8 4.63 -25.80 6.71
C HIS A 8 4.77 -24.95 7.99
N GLN A 9 5.50 -25.42 9.00
N GLN A 9 5.51 -25.44 8.99
CA GLN A 9 5.60 -24.60 10.21
CA GLN A 9 5.73 -24.67 10.23
C GLN A 9 6.66 -23.50 10.02
C GLN A 9 6.61 -23.47 9.94
N TYR A 10 7.61 -23.67 9.11
CA TYR A 10 8.55 -22.60 8.77
C TYR A 10 7.76 -21.39 8.27
N TYR A 11 6.76 -21.65 7.43
CA TYR A 11 5.92 -20.58 6.90
C TYR A 11 4.91 -20.07 7.93
N THR A 12 4.20 -20.97 8.60
CA THR A 12 2.99 -20.56 9.34
C THR A 12 3.19 -20.22 10.81
N ASN A 13 4.29 -20.69 11.41
CA ASN A 13 4.41 -20.59 12.86
C ASN A 13 4.39 -19.13 13.36
N ARG A 14 3.48 -18.84 14.27
CA ARG A 14 3.27 -17.48 14.71
C ARG A 14 4.22 -17.08 15.82
N ASN A 15 4.96 -18.04 16.36
CA ASN A 15 6.01 -17.71 17.32
C ASN A 15 7.18 -17.16 16.52
N ASP A 16 7.86 -18.04 15.79
CA ASP A 16 9.05 -17.63 15.07
C ASP A 16 9.22 -18.19 13.66
N GLY A 17 8.13 -18.60 13.02
CA GLY A 17 8.12 -18.88 11.60
C GLY A 17 7.89 -17.59 10.83
N LEU A 18 7.67 -17.72 9.52
CA LEU A 18 7.64 -16.52 8.69
C LEU A 18 6.46 -15.64 9.09
N MET A 19 5.29 -16.22 9.36
CA MET A 19 4.16 -15.40 9.84
C MET A 19 4.55 -14.67 11.12
N GLY A 20 5.24 -15.35 12.04
CA GLY A 20 5.73 -14.69 13.24
C GLY A 20 6.66 -13.51 13.00
N LYS A 21 7.43 -13.59 11.92
CA LYS A 21 8.39 -12.53 11.58
C LYS A 21 7.72 -11.39 10.82
N LEU A 22 6.60 -11.68 10.16
CA LEU A 22 5.98 -10.71 9.23
C LEU A 22 4.86 -9.93 9.87
N VAL A 23 4.11 -10.56 10.76
CA VAL A 23 2.92 -9.90 11.27
C VAL A 23 3.27 -8.84 12.29
N LEU A 24 2.66 -7.67 12.19
CA LEU A 24 2.92 -6.67 13.20
C LEU A 24 2.34 -7.07 14.57
N THR A 25 3.00 -6.67 15.65
CA THR A 25 2.40 -6.89 16.95
C THR A 25 1.27 -5.88 17.18
N ASP A 26 0.47 -6.12 18.23
CA ASP A 26 -0.63 -5.22 18.54
C ASP A 26 -0.11 -3.83 18.83
N GLU A 27 1.07 -3.74 19.46
CA GLU A 27 1.63 -2.44 19.81
C GLU A 27 1.99 -1.65 18.56
N GLU A 28 2.60 -2.35 17.60
CA GLU A 28 2.96 -1.78 16.33
C GLU A 28 1.72 -1.37 15.53
N LYS A 29 0.73 -2.25 15.47
CA LYS A 29 -0.55 -1.88 14.84
C LYS A 29 -1.14 -0.64 15.54
N ASN A 30 -1.12 -0.62 16.88
CA ASN A 30 -1.71 0.55 17.55
C ASN A 30 -0.90 1.81 17.28
N ASN A 31 0.41 1.69 17.17
CA ASN A 31 1.22 2.85 16.79
C ASN A 31 0.83 3.41 15.44
N LEU A 32 0.55 2.52 14.49
CA LEU A 32 0.15 2.93 13.15
C LEU A 32 -1.21 3.58 13.20
N LYS A 33 -2.09 3.05 14.06
CA LYS A 33 -3.42 3.61 14.17
C LYS A 33 -3.31 5.01 14.75
N ALA A 34 -2.36 5.16 15.68
CA ALA A 34 -2.15 6.46 16.33
C ALA A 34 -1.65 7.48 15.32
N LEU A 35 -0.70 7.08 14.48
CA LEU A 35 -0.20 7.93 13.42
C LEU A 35 -1.32 8.34 12.44
N ARG A 36 -2.14 7.36 12.06
CA ARG A 36 -3.30 7.62 11.22
C ARG A 36 -4.25 8.65 11.82
N LYS A 37 -4.54 8.53 13.13
CA LYS A 37 -5.44 9.46 13.80
C LYS A 37 -4.84 10.87 13.76
N ILE A 38 -3.53 10.98 13.95
CA ILE A 38 -2.89 12.32 13.97
C ILE A 38 -3.08 13.02 12.63
N ILE A 39 -2.87 12.30 11.55
CA ILE A 39 -3.01 12.84 10.19
C ILE A 39 -4.46 13.20 9.91
N ARG A 40 -5.39 12.31 10.28
CA ARG A 40 -6.79 12.60 10.06
C ARG A 40 -7.22 13.84 10.84
N LEU A 41 -6.82 13.92 12.11
CA LEU A 41 -7.21 15.07 12.93
C LEU A 41 -6.71 16.36 12.32
N ARG A 42 -5.48 16.35 11.82
CA ARG A 42 -4.89 17.59 11.30
C ARG A 42 -5.61 18.00 10.03
N THR A 43 -5.99 17.02 9.21
CA THR A 43 -6.66 17.33 7.95
C THR A 43 -8.05 17.88 8.23
N ARG A 44 -8.73 17.29 9.21
CA ARG A 44 -9.98 17.83 9.68
C ARG A 44 -9.82 19.28 10.11
N ASP A 45 -8.76 19.53 10.87
CA ASP A 45 -8.53 20.86 11.44
C ASP A 45 -8.20 21.88 10.37
N VAL A 46 -7.35 21.50 9.43
CA VAL A 46 -6.98 22.42 8.35
C VAL A 46 -8.22 22.84 7.58
N PHE A 47 -9.08 21.88 7.26
CA PHE A 47 -10.33 22.22 6.56
C PHE A 47 -11.23 23.10 7.41
N GLU A 48 -11.35 22.86 8.71
CA GLU A 48 -12.14 23.77 9.53
C GLU A 48 -11.53 25.14 9.50
N GLU A 49 -10.21 25.20 9.51
CA GLU A 49 -9.56 26.54 9.52
C GLU A 49 -9.84 27.33 8.23
N ALA A 50 -9.71 26.65 7.08
CA ALA A 50 -9.96 27.25 5.78
C ALA A 50 -11.43 27.62 5.63
N LYS A 51 -12.30 26.77 6.17
CA LYS A 51 -13.73 27.07 6.18
C LYS A 51 -14.05 28.30 7.05
N GLY A 52 -13.31 28.48 8.14
CA GLY A 52 -13.51 29.65 8.98
C GLY A 52 -13.25 30.90 8.18
N ILE A 53 -12.22 30.86 7.33
CA ILE A 53 -11.90 32.02 6.52
C ILE A 53 -13.00 32.27 5.49
N ALA A 54 -13.46 31.20 4.84
CA ALA A 54 -14.52 31.29 3.84
C ALA A 54 -15.82 31.81 4.46
N LYS A 55 -16.06 31.43 5.71
CA LYS A 55 -17.23 31.86 6.45
C LYS A 55 -17.15 33.37 6.62
N ALA A 56 -15.97 33.84 6.98
CA ALA A 56 -15.77 35.29 7.17
C ALA A 56 -16.01 36.07 5.89
N VAL A 57 -15.64 35.46 4.76
CA VAL A 57 -15.80 36.08 3.46
C VAL A 57 -17.25 36.04 2.99
N LYS A 58 -17.98 35.00 3.39
CA LYS A 58 -19.41 34.98 3.14
C LYS A 58 -20.09 36.15 3.85
N LYS A 59 -19.65 36.43 5.08
CA LYS A 59 -20.24 37.50 5.88
C LYS A 59 -19.94 38.87 5.33
N SER A 60 -18.75 39.02 4.73
CA SER A 60 -18.25 40.34 4.31
C SER A 60 -17.15 40.15 3.30
N ALA A 61 -17.17 40.89 2.19
CA ALA A 61 -16.27 40.62 1.09
C ALA A 61 -14.90 41.24 1.40
N LEU A 62 -14.17 40.52 2.25
CA LEU A 62 -12.89 40.96 2.80
C LEU A 62 -11.87 41.21 1.71
N THR A 63 -10.95 42.16 1.94
CA THR A 63 -9.87 42.37 0.98
C THR A 63 -8.96 41.16 0.87
N PHE A 64 -8.23 41.12 -0.25
CA PHE A 64 -7.28 40.06 -0.48
C PHE A 64 -6.23 40.02 0.61
N GLU A 65 -5.76 41.20 1.01
CA GLU A 65 -4.71 41.24 2.02
C GLU A 65 -5.18 40.71 3.37
N ILE A 66 -6.43 40.99 3.73
CA ILE A 66 -6.99 40.46 4.99
C ILE A 66 -7.16 38.95 4.92
N ILE A 67 -7.63 38.43 3.78
CA ILE A 67 -7.73 36.98 3.61
C ILE A 67 -6.36 36.35 3.76
N GLN A 68 -5.35 36.98 3.16
CA GLN A 68 -3.96 36.48 3.23
C GLN A 68 -3.48 36.41 4.67
N GLU A 69 -3.73 37.49 5.40
CA GLU A 69 -3.37 37.58 6.82
C GLU A 69 -4.01 36.44 7.59
N LYS A 70 -5.30 36.22 7.36
CA LYS A 70 -6.01 35.09 7.99
C LYS A 70 -5.38 33.75 7.64
N VAL A 71 -5.02 33.57 6.37
CA VAL A 71 -4.40 32.31 5.96
C VAL A 71 -3.09 32.09 6.73
N SER A 72 -2.36 33.17 6.97
CA SER A 72 -1.05 33.13 7.61
C SER A 72 -1.09 32.72 9.08
N THR A 73 -2.28 32.76 9.66
CA THR A 73 -2.46 32.41 11.08
C THR A 73 -2.89 30.95 11.27
N THR A 74 -3.15 30.27 10.16
CA THR A 74 -3.58 28.88 10.19
C THR A 74 -2.41 27.95 9.90
N GLN A 75 -2.69 26.66 9.89
CA GLN A 75 -1.68 25.65 9.50
C GLN A 75 -1.18 25.85 8.07
N ILE A 76 -1.92 26.61 7.25
CA ILE A 76 -1.53 26.81 5.86
C ILE A 76 -0.25 27.66 5.80
N LYS A 77 0.14 28.23 6.93
CA LYS A 77 1.39 28.97 7.00
C LYS A 77 2.59 28.08 6.68
N HIS A 78 2.39 26.77 6.73
CA HIS A 78 3.48 25.85 6.48
C HIS A 78 3.67 25.54 4.98
N LEU A 79 2.83 26.12 4.13
CA LEU A 79 3.04 26.08 2.68
C LEU A 79 3.98 27.20 2.24
N SER A 80 4.49 27.11 1.01
CA SER A 80 5.34 28.20 0.50
C SER A 80 4.54 29.49 0.41
N ASP A 81 5.24 30.60 0.25
CA ASP A 81 4.60 31.89 0.08
C ASP A 81 3.66 31.90 -1.14
N SER A 82 4.13 31.38 -2.27
CA SER A 82 3.30 31.35 -3.46
C SER A 82 2.08 30.44 -3.26
N GLU A 83 2.24 29.36 -2.49
CA GLU A 83 1.13 28.45 -2.25
C GLU A 83 0.10 29.08 -1.31
N GLN A 84 0.58 29.84 -0.32
CA GLN A 84 -0.30 30.63 0.54
C GLN A 84 -1.04 31.70 -0.27
N ARG A 85 -0.32 32.38 -1.16
CA ARG A 85 -0.95 33.35 -2.03
C ARG A 85 -2.06 32.66 -2.84
N GLU A 86 -1.77 31.46 -3.33
CA GLU A 86 -2.73 30.75 -4.15
C GLU A 86 -3.98 30.35 -3.36
N VAL A 87 -3.80 29.84 -2.14
CA VAL A 87 -4.96 29.55 -1.30
C VAL A 87 -5.78 30.79 -1.04
N ALA A 88 -5.10 31.89 -0.73
CA ALA A 88 -5.80 33.15 -0.48
C ALA A 88 -6.55 33.61 -1.72
N LYS A 89 -5.91 33.47 -2.89
CA LYS A 89 -6.55 33.89 -4.14
C LYS A 89 -7.73 32.99 -4.46
N LEU A 90 -7.62 31.70 -4.19
CA LEU A 90 -8.71 30.78 -4.44
C LEU A 90 -9.92 31.08 -3.54
N ILE A 91 -9.65 31.45 -2.28
CA ILE A 91 -10.73 31.80 -1.35
C ILE A 91 -11.35 33.13 -1.77
N TYR A 92 -10.51 34.05 -2.23
CA TYR A 92 -10.94 35.37 -2.71
C TYR A 92 -11.85 35.28 -3.93
N GLU A 93 -11.54 34.35 -4.82
CA GLU A 93 -12.21 34.23 -6.12
C GLU A 93 -13.48 33.39 -6.11
N MET A 94 -13.69 32.63 -5.05
CA MET A 94 -14.88 31.78 -4.93
C MET A 94 -16.18 32.55 -5.12
N ASP A 95 -17.07 32.03 -5.97
CA ASP A 95 -18.42 32.59 -6.06
C ASP A 95 -19.22 32.10 -4.86
N ASP A 96 -20.42 32.66 -4.68
CA ASP A 96 -21.27 32.32 -3.54
C ASP A 96 -21.62 30.84 -3.48
N ASP A 97 -22.01 30.28 -4.62
CA ASP A 97 -22.34 28.86 -4.69
C ASP A 97 -21.17 27.97 -4.27
N ALA A 98 -20.00 28.23 -4.85
CA ALA A 98 -18.78 27.50 -4.54
C ALA A 98 -18.42 27.62 -3.05
N ARG A 99 -18.53 28.83 -2.51
CA ARG A 99 -18.22 29.07 -1.11
C ARG A 99 -19.18 28.30 -0.20
N ASP A 100 -20.46 28.30 -0.55
CA ASP A 100 -21.46 27.52 0.19
C ASP A 100 -21.14 26.03 0.16
N GLU A 101 -20.75 25.53 -1.00
CA GLU A 101 -20.40 24.11 -1.09
C GLU A 101 -19.19 23.80 -0.19
N PHE A 102 -18.19 24.67 -0.21
CA PHE A 102 -16.99 24.50 0.60
C PHE A 102 -17.36 24.56 2.09
N LEU A 103 -18.26 25.47 2.46
CA LEU A 103 -18.69 25.59 3.84
C LEU A 103 -19.43 24.33 4.31
N GLY A 104 -19.97 23.57 3.37
CA GLY A 104 -20.61 22.30 3.69
C GLY A 104 -19.71 21.07 3.65
N LEU A 105 -18.44 21.26 3.35
CA LEU A 105 -17.53 20.10 3.14
C LEU A 105 -16.78 19.69 4.40
N THR A 106 -16.93 18.42 4.80
CA THR A 106 -16.16 17.90 5.91
C THR A 106 -15.51 16.61 5.41
N PRO A 107 -14.18 16.58 5.33
CA PRO A 107 -13.47 15.40 4.81
C PRO A 107 -13.80 14.17 5.62
N ARG A 108 -13.87 13.03 4.93
CA ARG A 108 -13.98 11.72 5.58
C ARG A 108 -12.75 10.90 5.23
N PHE A 109 -12.58 9.75 5.90
CA PHE A 109 -11.37 8.97 5.74
C PHE A 109 -11.66 7.48 5.67
N TRP A 110 -10.87 6.81 4.86
CA TRP A 110 -10.95 5.35 4.78
C TRP A 110 -9.59 4.80 4.43
N THR A 111 -9.13 3.82 5.21
CA THR A 111 -7.86 3.18 4.91
C THR A 111 -8.01 2.13 3.81
N GLN A 112 -7.10 2.15 2.84
CA GLN A 112 -7.09 1.18 1.74
C GLN A 112 -5.80 0.40 1.84
N GLY A 113 -5.61 -0.65 1.02
CA GLY A 113 -4.33 -1.31 1.02
C GLY A 113 -4.13 -2.31 2.15
N SER A 114 -2.86 -2.65 2.38
CA SER A 114 -2.53 -3.78 3.24
C SER A 114 -2.83 -3.60 4.73
N PHE A 115 -2.93 -2.37 5.22
CA PHE A 115 -3.39 -2.21 6.57
C PHE A 115 -4.89 -2.54 6.70
N GLN A 116 -5.64 -2.31 5.63
CA GLN A 116 -7.07 -2.55 5.62
C GLN A 116 -7.41 -4.03 5.46
N TYR A 117 -6.74 -4.73 4.56
CA TYR A 117 -7.02 -6.15 4.40
C TYR A 117 -5.94 -7.09 4.95
N ASP A 118 -5.16 -6.57 5.89
CA ASP A 118 -4.30 -7.37 6.77
C ASP A 118 -3.21 -8.17 6.05
N THR A 119 -2.43 -7.48 5.24
CA THR A 119 -1.29 -8.13 4.58
C THR A 119 -0.02 -7.28 4.78
N LEU A 120 -0.06 -6.40 5.78
CA LEU A 120 1.06 -5.50 5.98
C LEU A 120 2.21 -6.21 6.73
N ASN A 121 3.33 -6.31 6.06
CA ASN A 121 4.50 -7.03 6.62
C ASN A 121 5.45 -6.09 7.33
N ARG A 122 6.06 -6.58 8.39
N ARG A 122 6.07 -6.57 8.39
CA ARG A 122 7.24 -5.97 8.99
CA ARG A 122 7.20 -5.86 9.00
C ARG A 122 8.28 -5.75 7.88
C ARG A 122 8.29 -5.74 7.94
N PRO A 123 8.95 -4.59 7.87
CA PRO A 123 9.93 -4.36 6.80
C PRO A 123 11.21 -5.18 7.04
N PHE A 124 11.98 -5.42 5.99
CA PHE A 124 13.13 -6.33 6.12
C PHE A 124 14.48 -5.62 6.02
N GLN A 125 14.77 -5.07 4.85
CA GLN A 125 16.09 -4.42 4.63
C GLN A 125 16.11 -2.99 5.15
N PRO A 126 17.30 -2.52 5.59
CA PRO A 126 17.47 -1.14 6.02
C PRO A 126 17.01 -0.22 4.90
N GLY A 127 16.12 0.71 5.21
CA GLY A 127 15.59 1.55 4.17
C GLY A 127 14.16 1.25 3.83
N GLN A 128 13.78 -0.05 3.89
CA GLN A 128 12.41 -0.41 3.60
C GLN A 128 11.50 0.01 4.73
N GLU A 129 10.32 0.48 4.33
CA GLU A 129 9.36 1.04 5.27
C GLU A 129 8.03 0.38 5.11
N MET A 130 7.35 0.24 6.24
CA MET A 130 5.93 -0.07 6.31
C MET A 130 5.10 1.07 5.75
N ASP A 131 3.98 0.75 5.13
CA ASP A 131 3.11 1.68 4.40
C ASP A 131 1.68 1.66 4.97
N ILE A 132 1.12 2.83 5.24
CA ILE A 132 -0.29 2.95 5.59
C ILE A 132 -0.93 3.83 4.54
N ASP A 133 -1.94 3.31 3.85
CA ASP A 133 -2.62 4.07 2.81
C ASP A 133 -3.93 4.60 3.36
N ASP A 134 -3.95 5.87 3.79
CA ASP A 134 -5.18 6.38 4.38
C ASP A 134 -5.75 7.48 3.50
N GLY A 135 -6.84 7.15 2.83
CA GLY A 135 -7.44 8.08 1.88
C GLY A 135 -8.31 9.11 2.57
N THR A 136 -8.25 10.33 2.03
CA THR A 136 -9.18 11.39 2.45
C THR A 136 -10.21 11.61 1.35
N TYR A 137 -11.46 11.71 1.76
CA TYR A 137 -12.59 11.78 0.86
C TYR A 137 -13.38 13.08 0.98
N MET A 138 -13.66 13.68 -0.17
CA MET A 138 -14.35 14.97 -0.24
C MET A 138 -15.71 14.82 -0.91
N PRO A 139 -16.79 14.73 -0.11
CA PRO A 139 -18.13 14.58 -0.70
C PRO A 139 -18.54 15.88 -1.41
N MET A 140 -18.92 15.78 -2.68
CA MET A 140 -19.25 16.94 -3.50
C MET A 140 -20.30 16.59 -4.55
N PRO A 141 -21.00 17.62 -5.08
CA PRO A 141 -21.87 17.39 -6.25
C PRO A 141 -21.12 16.67 -7.38
N ILE A 142 -21.76 15.68 -8.00
CA ILE A 142 -21.13 14.85 -9.03
C ILE A 142 -20.59 15.67 -10.20
N LYS A 148 -18.39 20.78 -5.85
CA LYS A 148 -18.15 22.03 -6.55
C LYS A 148 -16.94 22.76 -5.96
N ILE A 149 -16.06 22.01 -5.30
CA ILE A 149 -14.81 22.59 -4.81
C ILE A 149 -13.64 22.11 -5.67
N GLY A 150 -12.77 23.05 -6.01
CA GLY A 150 -11.72 22.82 -6.99
C GLY A 150 -10.59 21.92 -6.55
N HIS A 151 -10.02 21.24 -7.54
CA HIS A 151 -8.90 20.34 -7.38
C HIS A 151 -7.71 21.06 -6.72
N SER A 152 -7.41 22.27 -7.16
CA SER A 152 -6.23 22.94 -6.63
C SER A 152 -6.33 23.26 -5.14
N LEU A 153 -7.46 23.82 -4.73
CA LEU A 153 -7.67 24.15 -3.33
C LEU A 153 -7.60 22.88 -2.50
N LEU A 154 -8.26 21.81 -2.95
CA LEU A 154 -8.26 20.61 -2.14
C LEU A 154 -6.87 20.02 -1.91
N ILE A 155 -6.05 19.95 -2.96
CA ILE A 155 -4.69 19.48 -2.85
C ILE A 155 -3.86 20.40 -1.94
N LEU A 156 -4.03 21.71 -2.08
CA LEU A 156 -3.27 22.61 -1.24
C LEU A 156 -3.59 22.41 0.24
N LEU A 157 -4.86 22.19 0.55
CA LEU A 157 -5.26 22.03 1.94
C LEU A 157 -4.76 20.71 2.53
N VAL A 158 -4.85 19.62 1.78
CA VAL A 158 -4.28 18.36 2.26
C VAL A 158 -2.76 18.45 2.38
N ASP A 159 -2.08 19.08 1.42
CA ASP A 159 -0.64 19.33 1.56
C ASP A 159 -0.34 20.18 2.81
N ALA A 160 -1.17 21.20 3.06
CA ALA A 160 -0.99 22.03 4.26
C ALA A 160 -1.04 21.16 5.51
N SER A 161 -2.01 20.25 5.53
CA SER A 161 -2.13 19.31 6.63
C SER A 161 -0.83 18.53 6.87
N LEU A 162 -0.37 17.83 5.84
CA LEU A 162 0.80 16.94 5.96
C LEU A 162 2.06 17.76 6.24
N LYS A 163 2.17 18.94 5.60
CA LYS A 163 3.38 19.74 5.75
C LYS A 163 3.43 20.37 7.13
N SER A 164 2.26 20.65 7.70
CA SER A 164 2.18 21.24 9.05
C SER A 164 2.59 20.19 10.09
N LEU A 165 2.31 18.93 9.83
CA LEU A 165 2.76 17.89 10.76
C LEU A 165 4.26 17.65 10.61
N VAL A 166 4.76 17.75 9.37
CA VAL A 166 6.17 17.55 9.10
C VAL A 166 7.00 18.65 9.74
N ALA A 167 6.46 19.85 9.76
CA ALA A 167 7.14 20.95 10.42
C ALA A 167 7.28 20.76 11.93
N GLU A 168 6.26 20.18 12.56
CA GLU A 168 6.20 20.08 14.00
C GLU A 168 6.96 18.85 14.53
N ASN A 169 7.22 17.90 13.65
CA ASN A 169 7.83 16.66 14.09
C ASN A 169 9.21 16.42 13.49
N HIS A 170 10.22 16.39 14.36
CA HIS A 170 11.57 16.04 13.95
C HIS A 170 11.56 14.60 13.46
N GLY A 171 12.16 14.38 12.29
CA GLY A 171 12.26 13.03 11.75
C GLY A 171 11.11 12.67 10.83
N TRP A 172 10.18 13.60 10.68
CA TRP A 172 9.11 13.47 9.68
C TRP A 172 9.46 14.27 8.42
N LYS A 173 9.23 13.68 7.26
CA LYS A 173 9.48 14.39 5.99
C LYS A 173 8.29 14.20 5.02
N PHE A 174 8.07 15.22 4.20
CA PHE A 174 6.99 15.19 3.22
C PHE A 174 7.49 14.85 1.84
N GLU A 175 6.70 14.10 1.10
CA GLU A 175 7.04 13.70 -0.25
C GLU A 175 5.78 13.84 -1.11
N ALA A 176 5.87 14.60 -2.20
CA ALA A 176 4.71 14.73 -3.09
C ALA A 176 4.75 13.60 -4.12
N LYS A 177 3.65 12.87 -4.24
CA LYS A 177 3.55 11.84 -5.25
C LYS A 177 2.40 12.16 -6.20
N GLN A 178 2.37 11.46 -7.32
CA GLN A 178 1.36 11.70 -8.33
C GLN A 178 -0.04 11.43 -7.77
N THR A 179 -0.14 10.43 -6.92
CA THR A 179 -1.42 9.93 -6.44
C THR A 179 -1.66 10.24 -4.97
N CYS A 180 -0.69 10.88 -4.31
CA CYS A 180 -0.87 11.20 -2.91
C CYS A 180 0.22 12.10 -2.35
N GLY A 181 -0.04 12.64 -1.17
CA GLY A 181 0.99 13.21 -0.34
C GLY A 181 1.46 12.09 0.59
N ARG A 182 2.72 12.16 0.99
CA ARG A 182 3.31 11.12 1.82
C ARG A 182 4.08 11.72 2.98
N ILE A 183 3.87 11.20 4.19
CA ILE A 183 4.73 11.55 5.31
C ILE A 183 5.62 10.34 5.57
N LYS A 184 6.93 10.58 5.57
CA LYS A 184 7.89 9.52 5.90
C LYS A 184 8.49 9.77 7.28
N ILE A 185 8.54 8.70 8.07
CA ILE A 185 9.07 8.76 9.41
C ILE A 185 10.16 7.70 9.49
N GLU A 186 11.37 8.08 9.11
CA GLU A 186 12.42 7.09 8.89
C GLU A 186 12.74 6.31 10.15
N ALA A 187 12.77 6.99 11.29
CA ALA A 187 13.13 6.35 12.55
C ALA A 187 12.12 5.28 12.94
N GLU A 188 10.89 5.42 12.46
CA GLU A 188 9.85 4.45 12.75
C GLU A 188 9.64 3.48 11.59
N LYS A 189 10.47 3.58 10.56
CA LYS A 189 10.43 2.67 9.40
C LYS A 189 9.01 2.63 8.82
N THR A 190 8.40 3.81 8.76
CA THR A 190 6.99 3.93 8.36
C THR A 190 6.75 5.15 7.47
N HIS A 191 5.89 5.02 6.47
CA HIS A 191 5.33 6.18 5.82
C HIS A 191 3.81 6.03 5.69
N ILE A 192 3.14 7.18 5.67
CA ILE A 192 1.69 7.20 5.47
C ILE A 192 1.42 7.97 4.18
N ASP A 193 0.70 7.29 3.29
CA ASP A 193 0.21 7.89 2.04
C ASP A 193 -1.20 8.38 2.20
N VAL A 194 -1.46 9.58 1.68
CA VAL A 194 -2.80 10.13 1.74
C VAL A 194 -3.31 10.43 0.34
N PRO A 195 -3.88 9.41 -0.31
CA PRO A 195 -4.55 9.70 -1.57
C PRO A 195 -5.82 10.49 -1.30
N MET A 196 -6.24 11.31 -2.25
N MET A 196 -6.22 11.34 -2.24
CA MET A 196 -7.41 12.16 -2.02
CA MET A 196 -7.41 12.15 -2.03
C MET A 196 -8.47 11.89 -3.07
C MET A 196 -8.46 11.81 -3.06
N TYR A 197 -9.71 11.76 -2.61
CA TYR A 197 -10.82 11.42 -3.50
C TYR A 197 -11.93 12.43 -3.48
N ALA A 198 -12.57 12.62 -4.63
CA ALA A 198 -13.87 13.26 -4.67
C ALA A 198 -14.94 12.18 -4.81
N ILE A 199 -15.99 12.29 -3.99
CA ILE A 199 -17.11 11.34 -4.00
C ILE A 199 -18.43 12.12 -3.96
N PRO A 200 -19.55 11.46 -4.33
CA PRO A 200 -20.84 12.16 -4.25
C PRO A 200 -21.22 12.50 -2.81
N LYS A 201 -22.05 13.55 -2.66
CA LYS A 201 -22.55 13.97 -1.35
C LYS A 201 -23.83 13.23 -1.00
N GLY A 218 -21.94 2.73 -6.19
CA GLY A 218 -21.60 3.75 -7.16
C GLY A 218 -20.10 3.98 -7.26
N SER A 219 -19.38 2.94 -7.67
CA SER A 219 -17.94 3.02 -7.78
C SER A 219 -17.51 3.97 -8.91
N GLU A 220 -18.42 4.21 -9.85
CA GLU A 220 -18.15 5.04 -11.02
C GLU A 220 -17.86 6.48 -10.63
N ASN A 221 -18.26 6.86 -9.42
CA ASN A 221 -18.13 8.27 -9.00
C ASN A 221 -17.10 8.50 -7.90
N VAL A 222 -16.21 7.54 -7.70
CA VAL A 222 -15.10 7.72 -6.77
C VAL A 222 -13.87 8.15 -7.54
N ASN A 223 -13.51 9.43 -7.40
CA ASN A 223 -12.47 10.01 -8.24
C ASN A 223 -11.22 10.34 -7.46
N LEU A 224 -10.13 9.71 -7.86
CA LEU A 224 -8.81 9.91 -7.28
C LEU A 224 -8.15 11.14 -7.89
N ALA A 225 -7.72 12.05 -7.03
CA ALA A 225 -7.01 13.24 -7.48
C ALA A 225 -5.60 12.88 -7.92
N LEU A 226 -5.17 13.46 -9.04
CA LEU A 226 -3.81 13.31 -9.56
C LEU A 226 -3.08 14.64 -9.44
N ARG A 227 -1.80 14.60 -9.06
CA ARG A 227 -1.05 15.84 -8.81
C ARG A 227 -0.62 16.57 -10.09
N GLU A 228 -0.23 15.83 -11.12
CA GLU A 228 0.19 16.48 -12.37
C GLU A 228 -0.34 15.80 -13.64
N GLY A 229 -0.34 16.52 -14.75
CA GLY A 229 -0.69 15.92 -16.02
C GLY A 229 -1.94 16.48 -16.68
N ASP A 230 -2.44 15.75 -17.69
CA ASP A 230 -3.59 16.20 -18.47
C ASP A 230 -4.91 15.91 -17.76
N ARG A 231 -4.85 15.07 -16.73
CA ARG A 231 -6.02 14.68 -15.96
C ARG A 231 -5.85 15.01 -14.49
N LYS A 232 -6.79 15.79 -13.97
CA LYS A 232 -6.81 16.15 -12.57
C LYS A 232 -7.40 15.02 -11.74
N TRP A 233 -8.26 14.24 -12.37
CA TRP A 233 -8.97 13.14 -11.67
C TRP A 233 -9.01 11.89 -12.51
N ILE A 234 -9.07 10.75 -11.85
CA ILE A 234 -9.32 9.50 -12.54
C ILE A 234 -10.21 8.65 -11.63
N ASN A 235 -11.14 7.91 -12.25
CA ASN A 235 -12.07 7.09 -11.48
C ASN A 235 -11.37 5.81 -11.04
N SER A 236 -11.08 5.70 -9.74
CA SER A 236 -10.36 4.56 -9.21
C SER A 236 -10.78 4.30 -7.77
N ASP A 237 -11.80 3.45 -7.59
CA ASP A 237 -12.36 3.20 -6.26
C ASP A 237 -11.57 2.12 -5.56
N PRO A 238 -10.89 2.46 -4.45
CA PRO A 238 -10.08 1.41 -3.81
C PRO A 238 -10.92 0.27 -3.26
N LYS A 239 -12.22 0.48 -3.07
CA LYS A 239 -13.11 -0.57 -2.58
C LYS A 239 -13.20 -1.73 -3.60
N ILE A 240 -12.98 -1.44 -4.88
CA ILE A 240 -13.03 -2.52 -5.89
C ILE A 240 -11.96 -3.56 -5.60
N VAL A 241 -10.77 -3.08 -5.29
CA VAL A 241 -9.68 -4.01 -4.98
C VAL A 241 -9.89 -4.70 -3.64
N GLU A 242 -10.31 -3.91 -2.64
CA GLU A 242 -10.57 -4.45 -1.31
C GLU A 242 -11.64 -5.56 -1.36
N ASP A 243 -12.75 -5.31 -2.06
CA ASP A 243 -13.83 -6.30 -2.19
C ASP A 243 -13.36 -7.51 -3.00
N TRP A 244 -12.59 -7.25 -4.05
CA TRP A 244 -12.09 -8.37 -4.87
C TRP A 244 -11.20 -9.30 -4.03
N PHE A 245 -10.37 -8.70 -3.20
CA PHE A 245 -9.42 -9.47 -2.43
C PHE A 245 -10.15 -10.22 -1.32
N ASN A 246 -11.06 -9.54 -0.63
N ASN A 246 -11.07 -9.56 -0.63
CA ASN A 246 -11.86 -10.17 0.41
CA ASN A 246 -11.78 -10.24 0.45
C ASN A 246 -12.65 -11.35 -0.15
C ASN A 246 -12.72 -11.34 -0.10
N ASP A 247 -13.34 -11.11 -1.25
CA ASP A 247 -14.08 -12.16 -1.93
C ASP A 247 -13.16 -13.34 -2.28
N SER A 248 -11.94 -13.03 -2.74
CA SER A 248 -10.98 -14.08 -3.11
C SER A 248 -10.56 -14.88 -1.89
N CYS A 249 -10.35 -14.19 -0.78
CA CYS A 249 -10.03 -14.85 0.48
C CYS A 249 -11.16 -15.82 0.91
N ILE A 250 -12.42 -15.39 0.75
CA ILE A 250 -13.55 -16.24 1.11
C ILE A 250 -13.63 -17.44 0.18
N ARG A 251 -13.43 -17.17 -1.11
CA ARG A 251 -13.52 -18.20 -2.14
C ARG A 251 -12.40 -19.24 -2.03
N ILE A 252 -11.17 -18.76 -1.90
CA ILE A 252 -9.99 -19.65 -1.90
C ILE A 252 -9.70 -20.18 -0.50
N GLY A 253 -9.84 -19.32 0.51
CA GLY A 253 -9.50 -19.69 1.87
C GLY A 253 -8.55 -18.69 2.52
N LYS A 254 -8.56 -18.66 3.85
CA LYS A 254 -7.72 -17.74 4.62
C LYS A 254 -6.23 -17.82 4.28
N HIS A 255 -5.74 -18.97 3.79
CA HIS A 255 -4.34 -19.06 3.43
C HIS A 255 -3.92 -18.14 2.31
N LEU A 256 -4.91 -17.57 1.59
CA LEU A 256 -4.57 -16.63 0.55
C LEU A 256 -3.79 -15.43 1.14
N ARG A 257 -4.26 -14.95 2.28
CA ARG A 257 -3.56 -13.82 2.92
C ARG A 257 -2.13 -14.19 3.27
N LYS A 258 -1.95 -15.40 3.81
CA LYS A 258 -0.61 -15.90 4.22
C LYS A 258 0.29 -15.96 2.99
N VAL A 259 -0.15 -16.60 1.90
CA VAL A 259 0.76 -16.70 0.76
C VAL A 259 1.04 -15.37 0.08
N CYS A 260 0.10 -14.43 0.14
CA CYS A 260 0.40 -13.09 -0.37
C CYS A 260 1.45 -12.41 0.50
N ARG A 261 1.35 -12.55 1.81
CA ARG A 261 2.41 -12.06 2.72
C ARG A 261 3.75 -12.68 2.32
N PHE A 262 3.75 -13.99 2.10
CA PHE A 262 5.03 -14.61 1.79
C PHE A 262 5.62 -14.14 0.48
N MET A 263 4.80 -13.96 -0.55
CA MET A 263 5.32 -13.48 -1.82
C MET A 263 5.84 -12.04 -1.68
N LYS A 264 5.14 -11.22 -0.90
CA LYS A 264 5.65 -9.87 -0.64
C LYS A 264 6.98 -9.90 0.12
N ALA A 265 7.12 -10.84 1.07
CA ALA A 265 8.36 -11.01 1.83
C ALA A 265 9.51 -11.46 0.90
N TRP A 266 9.19 -12.37 -0.04
CA TRP A 266 10.16 -12.73 -1.07
C TRP A 266 10.61 -11.51 -1.86
N ARG A 267 9.65 -10.69 -2.26
CA ARG A 267 9.99 -9.48 -3.04
C ARG A 267 10.88 -8.50 -2.22
N ASP A 268 10.58 -8.35 -0.94
CA ASP A 268 11.37 -7.46 -0.08
C ASP A 268 12.80 -7.98 0.11
N ALA A 269 12.93 -9.33 0.06
CA ALA A 269 14.24 -9.96 0.25
C ALA A 269 15.09 -9.89 -1.04
N GLN A 270 14.42 -10.05 -2.17
CA GLN A 270 15.16 -10.01 -3.44
C GLN A 270 15.55 -8.64 -3.91
N TRP A 271 14.76 -7.64 -3.55
CA TRP A 271 15.05 -6.25 -3.94
C TRP A 271 15.00 -5.30 -2.75
N ASP A 272 16.08 -4.56 -2.54
CA ASP A 272 16.14 -3.49 -1.58
C ASP A 272 15.12 -2.45 -2.00
N VAL A 273 15.28 -1.98 -3.24
CA VAL A 273 14.33 -1.11 -3.88
C VAL A 273 13.83 -1.77 -5.14
N GLY A 274 12.52 -1.74 -5.38
CA GLY A 274 11.98 -2.27 -6.62
C GLY A 274 11.34 -3.63 -6.48
N GLY A 275 11.25 -4.35 -7.60
CA GLY A 275 10.57 -5.63 -7.64
C GLY A 275 9.13 -5.41 -8.08
N PRO A 276 8.40 -6.49 -8.30
CA PRO A 276 6.98 -6.37 -8.68
C PRO A 276 6.15 -5.74 -7.58
N SER A 277 5.09 -5.04 -7.95
CA SER A 277 4.24 -4.44 -6.95
C SER A 277 3.50 -5.46 -6.11
N SER A 278 3.14 -5.06 -4.91
CA SER A 278 2.35 -5.91 -4.03
C SER A 278 1.03 -6.34 -4.70
N ILE A 279 0.36 -5.40 -5.36
CA ILE A 279 -0.92 -5.73 -5.97
C ILE A 279 -0.72 -6.72 -7.16
N SER A 280 0.37 -6.61 -7.91
CA SER A 280 0.59 -7.58 -9.01
C SER A 280 0.78 -8.98 -8.42
N LEU A 281 1.49 -9.08 -7.30
CA LEU A 281 1.71 -10.40 -6.66
C LEU A 281 0.40 -10.96 -6.17
N MET A 282 -0.46 -10.10 -5.62
CA MET A 282 -1.76 -10.57 -5.12
C MET A 282 -2.60 -11.08 -6.30
N ALA A 283 -2.66 -10.31 -7.40
CA ALA A 283 -3.51 -10.68 -8.54
C ALA A 283 -3.01 -11.98 -9.17
N ALA A 284 -1.70 -12.15 -9.33
CA ALA A 284 -1.18 -13.38 -9.97
C ALA A 284 -1.46 -14.57 -9.04
N THR A 285 -1.25 -14.36 -7.75
CA THR A 285 -1.47 -15.43 -6.75
C THR A 285 -2.92 -15.88 -6.70
N VAL A 286 -3.86 -14.93 -6.70
CA VAL A 286 -5.28 -15.30 -6.74
C VAL A 286 -5.58 -16.09 -8.00
N ASN A 287 -5.01 -15.68 -9.14
CA ASN A 287 -5.31 -16.39 -10.37
C ASN A 287 -4.83 -17.83 -10.29
N ILE A 288 -3.64 -18.00 -9.73
CA ILE A 288 -3.07 -19.35 -9.63
C ILE A 288 -3.88 -20.21 -8.69
N LEU A 289 -4.20 -19.69 -7.51
CA LEU A 289 -4.93 -20.51 -6.53
C LEU A 289 -6.36 -20.78 -6.95
N ASP A 290 -6.93 -19.93 -7.81
CA ASP A 290 -8.24 -20.22 -8.37
C ASP A 290 -8.18 -21.31 -9.40
N SER A 291 -7.03 -21.51 -10.04
CA SER A 291 -7.06 -22.42 -11.18
C SER A 291 -6.24 -23.69 -11.01
N VAL A 292 -5.48 -23.78 -9.92
CA VAL A 292 -4.58 -24.92 -9.69
C VAL A 292 -4.83 -25.55 -8.32
N ALA A 293 -5.02 -26.87 -8.31
CA ALA A 293 -5.28 -27.56 -7.05
C ALA A 293 -4.10 -27.43 -6.10
N HIS A 294 -4.41 -27.25 -4.83
CA HIS A 294 -3.40 -27.05 -3.79
C HIS A 294 -4.06 -27.44 -2.46
N ASP A 295 -3.23 -27.51 -1.43
CA ASP A 295 -3.68 -28.01 -0.14
C ASP A 295 -3.15 -27.11 0.97
N ALA A 296 -4.06 -26.37 1.62
CA ALA A 296 -3.66 -25.48 2.70
C ALA A 296 -3.03 -26.22 3.92
N SER A 297 -3.12 -27.54 3.98
N SER A 297 -3.13 -27.54 3.98
CA SER A 297 -2.44 -28.24 5.08
CA SER A 297 -2.46 -28.27 5.07
C SER A 297 -0.95 -28.38 4.80
C SER A 297 -0.97 -28.39 4.80
N ASP A 298 -0.52 -27.95 3.61
CA ASP A 298 0.93 -27.89 3.34
C ASP A 298 1.21 -26.65 2.51
N LEU A 299 1.44 -25.56 3.25
CA LEU A 299 1.71 -24.33 2.59
C LEU A 299 3.11 -24.29 1.99
N GLY A 300 4.00 -25.22 2.37
CA GLY A 300 5.25 -25.32 1.64
C GLY A 300 4.99 -25.81 0.21
N GLU A 301 4.25 -26.88 0.03
CA GLU A 301 3.84 -27.28 -1.30
C GLU A 301 3.02 -26.20 -2.03
N THR A 302 2.12 -25.55 -1.31
CA THR A 302 1.28 -24.51 -1.93
C THR A 302 2.20 -23.39 -2.48
N MET A 303 3.21 -23.02 -1.71
CA MET A 303 4.14 -22.01 -2.23
C MET A 303 4.93 -22.48 -3.41
N LYS A 304 5.29 -23.77 -3.42
CA LYS A 304 6.01 -24.30 -4.59
C LYS A 304 5.10 -24.25 -5.82
N ILE A 305 3.82 -24.53 -5.62
CA ILE A 305 2.85 -24.52 -6.71
C ILE A 305 2.72 -23.08 -7.26
N ILE A 306 2.61 -22.12 -6.36
CA ILE A 306 2.50 -20.72 -6.75
C ILE A 306 3.74 -20.33 -7.53
N ALA A 307 4.90 -20.68 -6.96
CA ALA A 307 6.17 -20.32 -7.61
C ALA A 307 6.32 -20.93 -8.98
N LYS A 308 5.84 -22.15 -9.18
CA LYS A 308 5.93 -22.76 -10.48
C LYS A 308 5.14 -21.99 -11.56
N HIS A 309 4.05 -21.33 -11.13
CA HIS A 309 3.13 -20.72 -12.10
C HIS A 309 3.27 -19.20 -12.23
N LEU A 310 3.91 -18.55 -11.26
CA LEU A 310 4.09 -17.09 -11.37
C LEU A 310 4.83 -16.63 -12.66
N PRO A 311 5.89 -17.33 -13.09
CA PRO A 311 6.55 -16.80 -14.30
C PRO A 311 5.57 -16.68 -15.49
N SER A 312 4.75 -17.68 -15.74
CA SER A 312 3.84 -17.54 -16.88
C SER A 312 2.82 -16.43 -16.64
N GLU A 313 2.38 -16.25 -15.39
CA GLU A 313 1.43 -15.17 -15.08
C GLU A 313 2.05 -13.82 -15.39
N PHE A 314 3.31 -13.67 -15.00
CA PHE A 314 3.95 -12.37 -15.17
C PHE A 314 4.39 -12.13 -16.61
N ALA A 315 4.82 -13.18 -17.30
CA ALA A 315 5.28 -12.99 -18.69
C ALA A 315 4.15 -12.49 -19.61
N ARG A 316 2.91 -12.89 -19.34
CA ARG A 316 1.82 -12.46 -20.21
C ARG A 316 1.25 -11.10 -19.81
N GLY A 317 1.81 -10.53 -18.74
CA GLY A 317 1.26 -9.33 -18.14
C GLY A 317 0.20 -9.68 -17.10
N VAL A 318 0.24 -9.02 -15.95
CA VAL A 318 -0.70 -9.28 -14.86
C VAL A 318 -1.83 -8.27 -14.93
N GLU A 319 -3.02 -8.73 -15.31
CA GLU A 319 -4.19 -7.87 -15.40
C GLU A 319 -4.67 -7.39 -14.01
N SER A 320 -5.08 -6.13 -13.94
CA SER A 320 -5.69 -5.61 -12.71
C SER A 320 -7.05 -6.22 -12.45
N PRO A 321 -7.38 -6.45 -11.17
CA PRO A 321 -8.73 -6.89 -10.82
C PRO A 321 -9.77 -5.78 -11.05
N ASP A 322 -9.27 -4.55 -11.22
CA ASP A 322 -10.15 -3.44 -11.56
C ASP A 322 -10.09 -3.30 -13.06
N SER A 323 -11.17 -3.70 -13.73
CA SER A 323 -11.21 -3.70 -15.19
C SER A 323 -11.04 -2.30 -15.80
N THR A 324 -11.23 -1.25 -15.00
CA THR A 324 -11.13 0.10 -15.52
C THR A 324 -9.70 0.65 -15.56
N ASP A 325 -8.76 -0.05 -14.94
CA ASP A 325 -7.35 0.34 -14.98
C ASP A 325 -6.86 0.39 -16.43
N GLU A 326 -6.04 1.38 -16.77
CA GLU A 326 -5.64 1.55 -18.16
C GLU A 326 -4.42 0.72 -18.53
N LYS A 327 -3.69 0.28 -17.52
CA LYS A 327 -2.44 -0.45 -17.71
C LYS A 327 -2.52 -1.73 -16.89
N PRO A 328 -1.82 -2.79 -17.32
CA PRO A 328 -1.77 -3.92 -16.40
C PRO A 328 -0.90 -3.60 -15.18
N LEU A 329 -0.97 -4.45 -14.15
CA LEU A 329 -0.16 -4.27 -12.95
C LEU A 329 1.28 -4.62 -13.18
N PHE A 330 1.54 -5.46 -14.19
CA PHE A 330 2.90 -5.77 -14.60
C PHE A 330 2.84 -6.01 -16.09
N PRO A 331 3.80 -5.48 -16.85
CA PRO A 331 3.65 -5.50 -18.30
C PRO A 331 3.99 -6.85 -18.92
N PRO A 332 3.41 -7.13 -20.07
CA PRO A 332 3.75 -8.35 -20.82
C PRO A 332 5.19 -8.32 -21.35
N SER A 333 5.77 -9.48 -21.64
CA SER A 333 7.21 -9.56 -21.81
C SER A 333 7.74 -8.80 -23.03
N TYR A 334 6.92 -8.50 -24.03
CA TYR A 334 7.42 -7.71 -25.13
C TYR A 334 7.66 -6.24 -24.73
N LYS A 335 7.19 -5.86 -23.55
CA LYS A 335 7.46 -4.49 -23.05
C LYS A 335 8.54 -4.47 -22.00
N HIS A 336 9.29 -5.57 -21.85
CA HIS A 336 10.24 -5.62 -20.74
C HIS A 336 11.56 -4.89 -21.01
N GLY A 337 11.98 -4.10 -20.02
CA GLY A 337 13.33 -3.56 -19.99
C GLY A 337 14.10 -4.32 -18.91
N PRO A 338 15.29 -3.80 -18.53
CA PRO A 338 16.14 -4.48 -17.55
C PRO A 338 15.43 -4.80 -16.26
N ARG A 339 14.52 -3.94 -15.81
CA ARG A 339 13.87 -4.19 -14.51
C ARG A 339 12.90 -5.34 -14.55
N GLU A 340 12.09 -5.39 -15.61
CA GLU A 340 11.15 -6.50 -15.75
C GLU A 340 11.90 -7.79 -16.07
N MET A 341 12.97 -7.71 -16.85
CA MET A 341 13.79 -8.91 -17.07
C MET A 341 14.38 -9.45 -15.77
N ASP A 342 14.81 -8.55 -14.88
CA ASP A 342 15.34 -8.97 -13.62
C ASP A 342 14.26 -9.61 -12.76
N ILE A 343 13.06 -9.05 -12.81
CA ILE A 343 11.95 -9.64 -12.09
C ILE A 343 11.61 -11.05 -12.64
N MET A 344 11.57 -11.17 -13.97
CA MET A 344 11.33 -12.50 -14.56
C MET A 344 12.39 -13.48 -14.13
N SER A 345 13.64 -13.05 -14.11
CA SER A 345 14.73 -13.93 -13.72
C SER A 345 14.55 -14.45 -12.28
N LYS A 346 14.26 -13.57 -11.35
CA LYS A 346 14.09 -13.95 -9.95
C LYS A 346 12.83 -14.82 -9.80
N LEU A 347 11.77 -14.50 -10.54
CA LEU A 347 10.60 -15.38 -10.50
C LEU A 347 10.93 -16.78 -10.99
N GLU A 348 11.71 -16.89 -12.05
CA GLU A 348 12.08 -18.22 -12.61
C GLU A 348 12.93 -18.99 -11.58
N ARG A 349 13.76 -18.28 -10.83
CA ARG A 349 14.62 -18.92 -9.82
C ARG A 349 13.84 -19.43 -8.60
N LEU A 350 12.75 -18.77 -8.25
CA LEU A 350 12.07 -19.06 -6.99
C LEU A 350 11.62 -20.53 -6.88
N PRO A 351 10.95 -21.10 -7.91
CA PRO A 351 10.57 -22.51 -7.66
C PRO A 351 11.78 -23.42 -7.56
N GLU A 352 12.90 -23.04 -8.17
N GLU A 352 12.91 -23.03 -8.16
CA GLU A 352 14.11 -23.85 -8.06
CA GLU A 352 14.11 -23.86 -8.07
C GLU A 352 14.67 -23.77 -6.64
C GLU A 352 14.74 -23.76 -6.68
N ILE A 353 14.65 -22.58 -6.05
CA ILE A 353 15.09 -22.42 -4.67
C ILE A 353 14.25 -23.31 -3.76
N LEU A 354 12.94 -23.25 -3.95
CA LEU A 354 12.04 -24.01 -3.06
C LEU A 354 12.24 -25.52 -3.24
N SER A 355 12.41 -25.95 -4.48
N SER A 355 12.38 -25.97 -4.48
CA SER A 355 12.71 -27.37 -4.79
CA SER A 355 12.63 -27.39 -4.73
C SER A 355 14.03 -27.82 -4.21
C SER A 355 13.93 -27.83 -4.07
N SER A 356 15.01 -26.91 -4.22
N SER A 356 14.97 -26.99 -4.19
CA SER A 356 16.33 -27.25 -3.72
CA SER A 356 16.27 -27.40 -3.69
C SER A 356 16.29 -27.40 -2.21
C SER A 356 16.24 -27.45 -2.17
N ALA A 357 15.53 -26.52 -1.55
CA ALA A 357 15.39 -26.57 -0.09
C ALA A 357 14.72 -27.89 0.35
N GLU A 358 13.70 -28.33 -0.38
N GLU A 358 13.74 -28.33 -0.43
CA GLU A 358 12.97 -29.54 0.05
CA GLU A 358 13.02 -29.58 -0.13
C GLU A 358 13.82 -30.80 -0.09
C GLU A 358 13.93 -30.79 -0.11
N SER A 359 14.85 -30.75 -0.93
N SER A 359 14.93 -30.76 -0.98
CA SER A 359 15.71 -31.92 -1.12
CA SER A 359 15.80 -31.92 -1.21
C SER A 359 17.14 -31.69 -0.63
C SER A 359 17.14 -31.81 -0.51
N ALA A 360 17.29 -30.76 0.31
CA ALA A 360 18.58 -30.48 0.94
C ALA A 360 19.09 -31.67 1.80
N ASP A 361 20.40 -31.71 2.03
N ASP A 361 20.40 -31.72 2.03
CA ASP A 361 21.02 -32.84 2.72
CA ASP A 361 21.03 -32.82 2.76
C ASP A 361 21.02 -32.70 4.24
C ASP A 361 20.74 -32.82 4.25
N SER A 362 20.38 -31.65 4.76
CA SER A 362 20.23 -31.49 6.20
C SER A 362 19.24 -30.39 6.50
N LYS A 363 18.74 -30.37 7.74
CA LYS A 363 17.86 -29.32 8.18
C LYS A 363 18.52 -27.95 8.04
N SER A 364 19.80 -27.86 8.42
CA SER A 364 20.44 -26.56 8.39
C SER A 364 20.59 -26.06 6.96
N GLU A 365 20.86 -26.96 6.02
CA GLU A 365 20.98 -26.58 4.62
C GLU A 365 19.62 -26.26 4.04
N ALA A 366 18.57 -26.95 4.49
CA ALA A 366 17.18 -26.66 4.03
C ALA A 366 16.85 -25.24 4.42
N LEU A 367 17.22 -24.88 5.64
CA LEU A 367 16.92 -23.52 6.11
C LEU A 367 17.71 -22.46 5.33
N LYS A 368 19.00 -22.74 5.13
CA LYS A 368 19.88 -21.81 4.41
C LYS A 368 19.28 -21.59 3.00
N LYS A 369 18.85 -22.67 2.35
CA LYS A 369 18.33 -22.52 0.99
C LYS A 369 17.02 -21.77 0.92
N ILE A 370 16.04 -22.11 1.77
CA ILE A 370 14.76 -21.41 1.67
C ILE A 370 14.94 -19.95 2.06
N ASN A 371 15.91 -19.68 2.93
CA ASN A 371 16.16 -18.26 3.29
C ASN A 371 16.81 -17.48 2.14
N MET A 372 17.23 -18.16 1.09
CA MET A 372 17.68 -17.43 -0.10
C MET A 372 16.49 -16.86 -0.86
N ALA A 373 15.30 -17.42 -0.62
CA ALA A 373 14.04 -16.85 -1.13
C ALA A 373 13.51 -15.74 -0.22
N PHE A 374 13.45 -15.97 1.09
CA PHE A 374 12.71 -15.04 1.99
C PHE A 374 13.62 -14.21 2.86
N GLY A 375 14.94 -14.37 2.73
CA GLY A 375 15.88 -13.67 3.60
C GLY A 375 16.14 -14.42 4.90
N ASN A 376 17.20 -14.04 5.63
CA ASN A 376 17.51 -14.68 6.89
C ASN A 376 16.69 -14.09 8.03
N ARG A 377 15.41 -14.39 8.03
CA ARG A 377 14.49 -13.90 9.02
C ARG A 377 14.14 -14.99 9.99
N VAL A 378 13.69 -16.12 9.43
CA VAL A 378 13.48 -17.31 10.25
C VAL A 378 14.82 -17.98 10.51
N THR A 379 15.13 -18.26 11.76
CA THR A 379 16.41 -18.84 12.10
C THR A 379 16.23 -20.20 12.77
N ASN A 380 14.98 -20.57 13.05
CA ASN A 380 14.69 -21.79 13.83
C ASN A 380 14.51 -23.00 12.91
N SER A 381 15.55 -23.81 12.80
CA SER A 381 15.47 -24.94 11.85
C SER A 381 14.59 -26.06 12.35
N GLU A 382 14.16 -26.01 13.62
CA GLU A 382 13.17 -26.98 14.15
C GLU A 382 11.78 -26.81 13.53
N LEU A 383 11.56 -25.71 12.83
CA LEU A 383 10.31 -25.55 12.13
C LEU A 383 10.29 -26.33 10.82
N ILE A 384 11.42 -26.94 10.46
CA ILE A 384 11.49 -27.71 9.23
C ILE A 384 11.54 -29.14 9.66
N VAL A 385 10.68 -30.01 9.10
CA VAL A 385 10.62 -31.39 9.59
C VAL A 385 10.73 -32.36 8.45
N LEU A 386 11.38 -33.49 8.73
CA LEU A 386 11.52 -34.55 7.77
C LEU A 386 10.17 -35.15 7.44
N ALA A 387 9.88 -35.32 6.16
CA ALA A 387 8.56 -35.78 5.72
C ALA A 387 8.72 -36.72 4.54
N LYS A 388 7.60 -37.22 4.05
CA LYS A 388 7.61 -37.95 2.78
C LYS A 388 6.66 -37.26 1.83
N ALA A 389 6.96 -37.29 0.55
CA ALA A 389 6.05 -36.71 -0.43
C ALA A 389 6.11 -37.49 -1.72
MG MG B . 0.30 0.03 0.99
MG MG C . 1.25 3.58 0.09
C1 EDO D . 17.64 -13.29 0.24
O1 EDO D . 17.97 -12.21 1.11
C2 EDO D . 18.12 -12.96 -1.16
O2 EDO D . 19.52 -12.67 -1.08
C1 EDO E . 7.64 -2.41 -5.60
O1 EDO E . 6.45 -1.88 -6.20
C2 EDO E . 7.54 -2.24 -4.08
O2 EDO E . 8.82 -2.38 -3.48
C1 EDO F . -2.13 -31.12 -4.44
O1 EDO F . -1.63 -30.69 -3.17
C2 EDO F . -3.65 -31.18 -4.35
O2 EDO F . -4.19 -31.89 -5.48
C1 EDO G . 15.83 -34.34 2.03
O1 EDO G . 15.40 -34.93 0.82
C2 EDO G . 15.72 -35.31 3.20
O2 EDO G . 16.32 -36.56 2.81
C1 EDO H . 18.06 -4.14 -5.74
O1 EDO H . 16.77 -3.53 -5.90
C2 EDO H . 18.27 -4.57 -4.32
O2 EDO H . 19.19 -5.63 -4.15
C1 EDO I . -2.64 -5.31 9.02
O1 EDO I . -1.71 -6.27 8.51
C2 EDO I . -2.01 -4.53 10.15
O2 EDO I . -1.03 -5.36 10.80
C1 EDO J . -15.07 7.54 3.28
O1 EDO J . -16.26 7.59 4.08
C2 EDO J . -15.16 6.34 2.35
O2 EDO J . -16.39 6.40 1.60
C1 EDO K . -3.21 -21.03 -14.53
O1 EDO K . -2.22 -22.02 -14.81
C2 EDO K . -2.66 -20.17 -13.41
O2 EDO K . -1.32 -19.79 -13.75
C1 EDO L . 9.04 -24.61 0.30
O1 EDO L . 7.94 -23.87 -0.26
C2 EDO L . 9.22 -25.94 -0.35
O2 EDO L . 8.09 -26.72 0.17
C1 EDO M . -6.93 -26.61 0.10
O1 EDO M . -7.08 -26.49 1.52
C2 EDO M . -7.51 -25.37 -0.58
O2 EDO M . -8.06 -25.74 -1.85
O3A GH3 N . 3.24 3.67 -4.56
PA GH3 N . 2.55 4.70 -5.54
O1A GH3 N . 2.30 4.08 -6.89
O2A GH3 N . 3.45 5.88 -5.77
O5' GH3 N . 1.13 5.18 -4.96
C5' GH3 N . 1.06 5.84 -3.70
C4' GH3 N . -0.34 5.58 -3.08
O4' GH3 N . -1.31 6.09 -3.82
C3' GH3 N . -0.67 4.05 -2.99
C2' GH3 N . -2.21 4.13 -2.96
O2' GH3 N . -2.55 4.53 -1.57
C1' GH3 N . -2.54 5.08 -3.83
N9 GH3 N . -2.62 4.67 -5.18
C8 GH3 N . -1.63 4.46 -6.11
N7 GH3 N . -2.21 4.06 -7.28
C5 GH3 N . -3.54 4.03 -7.07
C6 GH3 N . -4.68 3.69 -7.96
O6 GH3 N . -4.50 3.34 -9.11
N1 GH3 N . -5.98 3.78 -7.45
C2 GH3 N . -6.23 4.18 -6.11
N2 GH3 N . -7.55 4.23 -5.61
N3 GH3 N . -5.13 4.48 -5.25
C4 GH3 N . -3.79 4.44 -5.78
PG GH3 O . 2.09 -2.87 0.65
O1G GH3 O . 3.32 -3.15 -0.16
O2G GH3 O . 1.91 -3.55 1.97
O3G GH3 O . 1.93 -1.37 0.82
O3B GH3 O . 0.82 -3.37 -0.16
PB GH3 O . -0.63 -2.74 -0.50
O1B GH3 O . -1.62 -3.88 -0.62
O2B GH3 O . -0.96 -1.68 0.55
O3A GH3 O . -0.34 -2.03 -1.88
PA GH3 O . -0.15 -0.50 -2.26
O1A GH3 O . 0.73 -0.43 -3.48
O2A GH3 O . 0.40 0.31 -1.10
O5' GH3 O . -1.61 -0.02 -2.73
C5' GH3 O . -2.62 0.22 -1.76
C4' GH3 O . -3.98 0.28 -2.48
O4' GH3 O . -3.96 1.25 -3.40
C3' GH3 O . -4.30 -1.02 -3.23
C2' GH3 O . -5.25 -0.46 -4.31
O2' GH3 O . -6.54 -0.31 -3.63
C1' GH3 O . -4.77 0.75 -4.66
N9 GH3 O . -3.80 0.63 -5.70
C8 GH3 O . -2.45 0.66 -5.71
N7 GH3 O . -2.02 0.46 -6.99
C5 GH3 O . -3.14 0.31 -7.74
C6 GH3 O . -3.36 0.04 -9.21
O6 GH3 O . -2.44 -0.06 -9.99
N1 GH3 O . -4.65 -0.04 -9.69
C2 GH3 O . -5.76 0.10 -8.82
N2 GH3 O . -7.07 0.00 -9.30
N3 GH3 O . -5.57 0.32 -7.43
C4 GH3 O . -4.22 0.42 -6.93
NA NA P . 13.85 -15.84 -6.45
#